data_5HU2
#
_entry.id   5HU2
#
_cell.length_a   98.926
_cell.length_b   46.686
_cell.length_c   89.617
_cell.angle_alpha   90.00
_cell.angle_beta   91.39
_cell.angle_gamma   90.00
#
_symmetry.space_group_name_H-M   'C 1 2 1'
#
loop_
_entity.id
_entity.type
_entity.pdbx_description
1 polymer 'Probable sugar kinase'
2 water water
#
_entity_poly.entity_id   1
_entity_poly.type   'polypeptide(L)'
_entity_poly.pdbx_seq_one_letter_code
;MGMVVALGLDFGASGARAIACDFDSDRSVSVSVTFPKTSQNWPQVWREALWQLLTQIPADWRSRIERIAIDGTSGTVLLC
DREGQPQTEPLLYNQACPIDLADLADWVPADHAALSSTSSLAKLWFWQQQFGALPPDWQILAQADWLSLQLHGCSQQSDY
HNALKLGYSPDRERFSKNLLDSELGALLPVVHEPGVAIGPILPAIAQEFGLSPDCQICAGTTDSIAAFLASGAHQPGEAV
TSLGSTIVLKLLSQVAVSDRLTGVYSHKLGGYWLTGGASNCGGATLRQFFPDTELESLSCQIDPTKKSGLDYYPLPSRGE
RFPIADPDRLPQLEPRPENPVQFLQGLLEGLTQVETLGYQRLQDLGATPLKRIWTAGGGAKNAVWQQLRQQAIGVPIAIA
PNTEAAFGTARLAAFGLAAFHSAGLKRTLEHHHHHH
;
_entity_poly.pdbx_strand_id   A
#
# COMPACT_ATOMS: atom_id res chain seq x y z
N VAL A 4 -23.13 -10.17 -6.77
CA VAL A 4 -22.41 -10.28 -5.51
C VAL A 4 -22.15 -8.92 -4.88
N VAL A 5 -22.47 -8.78 -3.60
CA VAL A 5 -22.26 -7.54 -2.87
C VAL A 5 -21.13 -7.71 -1.85
N ALA A 6 -20.04 -6.97 -2.03
CA ALA A 6 -18.87 -7.11 -1.17
C ALA A 6 -18.54 -5.83 -0.42
N LEU A 7 -17.93 -5.98 0.75
CA LEU A 7 -17.54 -4.84 1.58
C LEU A 7 -16.03 -4.71 1.68
N GLY A 8 -15.54 -3.51 1.43
CA GLY A 8 -14.11 -3.23 1.56
C GLY A 8 -13.83 -2.31 2.73
N LEU A 9 -12.97 -2.76 3.64
CA LEU A 9 -12.59 -1.96 4.79
C LEU A 9 -11.13 -1.55 4.69
N ASP A 10 -10.88 -0.26 4.69
CA ASP A 10 -9.53 0.28 4.57
C ASP A 10 -9.15 1.07 5.81
N PHE A 11 -8.13 0.60 6.51
CA PHE A 11 -7.58 1.32 7.65
C PHE A 11 -6.25 1.96 7.27
N GLY A 12 -6.24 3.28 7.17
CA GLY A 12 -5.07 4.00 6.68
C GLY A 12 -4.27 4.70 7.76
N ALA A 13 -3.56 5.76 7.35
CA ALA A 13 -2.67 6.48 8.24
C ALA A 13 -3.42 7.28 9.30
N SER A 14 -4.46 8.00 8.89
CA SER A 14 -5.17 8.89 9.81
C SER A 14 -6.67 8.65 9.84
N GLY A 15 -7.13 7.52 9.31
CA GLY A 15 -8.55 7.23 9.30
C GLY A 15 -8.90 5.87 8.72
N ALA A 16 -10.20 5.63 8.55
CA ALA A 16 -10.68 4.37 8.01
C ALA A 16 -11.92 4.59 7.14
N ARG A 17 -11.94 3.93 5.98
CA ARG A 17 -13.06 4.06 5.05
C ARG A 17 -13.68 2.72 4.73
N ALA A 18 -15.00 2.69 4.64
CA ALA A 18 -15.72 1.48 4.28
C ALA A 18 -16.52 1.70 3.00
N ILE A 19 -16.38 0.78 2.05
CA ILE A 19 -17.13 0.86 0.80
C ILE A 19 -17.86 -0.44 0.52
N ALA A 20 -19.18 -0.41 0.66
CA ALA A 20 -20.01 -1.55 0.29
C ALA A 20 -20.42 -1.39 -1.17
N CYS A 21 -20.09 -2.40 -1.99
CA CYS A 21 -20.27 -2.26 -3.42
C CYS A 21 -21.10 -3.40 -4.02
N ASP A 22 -22.14 -3.03 -4.76
CA ASP A 22 -22.94 -3.99 -5.52
C ASP A 22 -22.40 -4.03 -6.94
N PHE A 23 -21.80 -5.14 -7.33
CA PHE A 23 -21.05 -5.21 -8.58
C PHE A 23 -21.87 -5.61 -9.81
N ASP A 24 -23.13 -5.99 -9.62
CA ASP A 24 -23.99 -6.25 -10.77
C ASP A 24 -24.84 -5.01 -11.07
N SER A 25 -24.85 -4.08 -10.12
CA SER A 25 -25.55 -2.81 -10.27
C SER A 25 -24.56 -1.69 -10.49
N ASP A 26 -23.30 -1.95 -10.13
CA ASP A 26 -22.25 -0.93 -10.15
C ASP A 26 -22.63 0.27 -9.30
N ARG A 27 -23.29 0.00 -8.18
CA ARG A 27 -23.71 1.03 -7.24
C ARG A 27 -23.09 0.75 -5.87
N SER A 28 -22.80 1.80 -5.11
CA SER A 28 -22.10 1.63 -3.85
C SER A 28 -22.45 2.68 -2.81
N VAL A 29 -22.05 2.42 -1.57
CA VAL A 29 -22.18 3.39 -0.49
C VAL A 29 -20.84 3.47 0.25
N SER A 30 -20.46 4.66 0.66
CA SER A 30 -19.16 4.87 1.31
C SER A 30 -19.29 5.67 2.61
N VAL A 31 -18.67 5.16 3.68
CA VAL A 31 -18.67 5.83 4.97
C VAL A 31 -17.26 5.99 5.52
N SER A 32 -17.09 6.90 6.48
CA SER A 32 -15.75 7.23 6.97
C SER A 32 -15.67 7.36 8.49
N VAL A 33 -14.46 7.13 9.02
CA VAL A 33 -14.15 7.37 10.42
C VAL A 33 -12.76 8.00 10.51
N THR A 34 -12.65 9.10 11.25
CA THR A 34 -11.38 9.80 11.37
C THR A 34 -10.69 9.51 12.70
N PHE A 35 -9.45 9.03 12.62
CA PHE A 35 -8.66 8.73 13.81
C PHE A 35 -8.16 10.00 14.49
N PRO A 36 -7.88 9.91 15.79
CA PRO A 36 -7.10 10.95 16.47
C PRO A 36 -5.64 10.90 16.05
N LYS A 37 -4.82 11.83 16.52
CA LYS A 37 -3.40 11.84 16.18
C LYS A 37 -2.56 11.27 17.32
N THR A 38 -3.23 10.89 18.40
CA THR A 38 -2.54 10.33 19.56
C THR A 38 -3.51 9.47 20.37
N SER A 39 -3.04 8.32 20.83
CA SER A 39 -3.86 7.44 21.64
C SER A 39 -3.02 6.62 22.62
N GLN A 40 -3.60 6.34 23.78
CA GLN A 40 -2.98 5.44 24.75
C GLN A 40 -3.44 4.01 24.48
N ASN A 41 -4.27 3.86 23.46
CA ASN A 41 -4.91 2.59 23.16
C ASN A 41 -5.41 2.54 21.72
N TRP A 42 -4.48 2.49 20.77
CA TRP A 42 -4.81 2.38 19.35
C TRP A 42 -5.62 1.14 18.96
N PRO A 43 -5.40 -0.02 19.63
CA PRO A 43 -6.30 -1.13 19.33
C PRO A 43 -7.77 -0.80 19.57
N GLN A 44 -8.08 -0.10 20.65
CA GLN A 44 -9.46 0.27 20.95
C GLN A 44 -9.99 1.25 19.91
N VAL A 45 -9.12 2.14 19.45
CA VAL A 45 -9.48 3.12 18.44
C VAL A 45 -9.84 2.43 17.13
N TRP A 46 -9.03 1.44 16.76
CA TRP A 46 -9.23 0.70 15.52
C TRP A 46 -10.47 -0.17 15.57
N ARG A 47 -10.66 -0.87 16.68
CA ARG A 47 -11.80 -1.77 16.85
C ARG A 47 -13.12 -1.00 16.88
N GLU A 48 -13.12 0.17 17.53
CA GLU A 48 -14.31 1.00 17.58
C GLU A 48 -14.58 1.61 16.21
N ALA A 49 -13.52 1.90 15.47
CA ALA A 49 -13.64 2.39 14.11
C ALA A 49 -14.35 1.34 13.26
N LEU A 50 -14.00 0.08 13.49
CA LEU A 50 -14.59 -1.04 12.78
C LEU A 50 -16.11 -1.10 13.01
N TRP A 51 -16.53 -1.01 14.27
CA TRP A 51 -17.94 -1.05 14.58
C TRP A 51 -18.66 0.21 14.10
N GLN A 52 -17.95 1.34 14.12
CA GLN A 52 -18.49 2.59 13.61
C GLN A 52 -18.79 2.50 12.12
N LEU A 53 -17.82 2.00 11.37
CA LEU A 53 -17.97 1.82 9.93
C LEU A 53 -19.15 0.91 9.60
N LEU A 54 -19.23 -0.22 10.31
CA LEU A 54 -20.30 -1.18 10.09
C LEU A 54 -21.67 -0.57 10.40
N THR A 55 -21.72 0.24 11.45
CA THR A 55 -22.96 0.86 11.89
C THR A 55 -23.52 1.86 10.87
N GLN A 56 -22.62 2.67 10.30
CA GLN A 56 -23.03 3.72 9.37
C GLN A 56 -23.57 3.18 8.04
N ILE A 57 -23.24 1.93 7.73
CA ILE A 57 -23.77 1.29 6.53
C ILE A 57 -25.25 0.97 6.73
N PRO A 58 -26.09 1.37 5.77
CA PRO A 58 -27.54 1.13 5.82
C PRO A 58 -27.88 -0.34 6.05
N ALA A 59 -29.05 -0.61 6.62
CA ALA A 59 -29.47 -1.97 6.95
C ALA A 59 -29.61 -2.83 5.70
N ASP A 60 -30.06 -2.22 4.61
CA ASP A 60 -30.23 -2.92 3.33
C ASP A 60 -28.91 -3.52 2.86
N TRP A 61 -27.89 -2.69 2.77
CA TRP A 61 -26.57 -3.12 2.32
C TRP A 61 -25.99 -4.19 3.24
N ARG A 62 -26.09 -3.98 4.54
CA ARG A 62 -25.55 -4.91 5.52
C ARG A 62 -26.19 -6.29 5.40
N SER A 63 -27.49 -6.32 5.11
CA SER A 63 -28.19 -7.58 4.91
C SER A 63 -27.72 -8.26 3.62
N ARG A 64 -27.22 -7.46 2.68
CA ARG A 64 -26.88 -7.97 1.35
C ARG A 64 -25.39 -8.27 1.19
N ILE A 65 -24.57 -7.88 2.15
CA ILE A 65 -23.13 -8.13 2.09
C ILE A 65 -22.82 -9.61 2.25
N GLU A 66 -22.09 -10.17 1.28
CA GLU A 66 -21.77 -11.59 1.29
C GLU A 66 -20.30 -11.84 1.61
N ARG A 67 -19.44 -10.88 1.28
CA ARG A 67 -18.02 -11.02 1.51
C ARG A 67 -17.40 -9.73 2.05
N ILE A 68 -16.41 -9.88 2.92
CA ILE A 68 -15.73 -8.74 3.52
C ILE A 68 -14.20 -8.93 3.49
N ALA A 69 -13.47 -7.85 3.21
CA ALA A 69 -12.02 -7.89 3.25
C ALA A 69 -11.48 -6.59 3.87
N ILE A 70 -10.31 -6.67 4.50
CA ILE A 70 -9.75 -5.53 5.22
C ILE A 70 -8.29 -5.28 4.86
N ASP A 71 -7.98 -4.05 4.44
CA ASP A 71 -6.59 -3.67 4.23
C ASP A 71 -6.13 -2.72 5.33
N GLY A 72 -4.86 -2.84 5.73
CA GLY A 72 -4.31 -2.02 6.78
C GLY A 72 -2.96 -1.44 6.42
N THR A 73 -2.36 -0.69 7.34
CA THR A 73 -1.06 -0.09 7.10
C THR A 73 0.04 -1.14 7.27
N SER A 74 0.94 -1.18 6.29
CA SER A 74 2.04 -2.14 6.28
C SER A 74 3.07 -1.84 7.36
N GLY A 75 3.30 -2.80 8.25
CA GLY A 75 4.31 -2.65 9.28
C GLY A 75 3.73 -2.33 10.65
N THR A 76 2.43 -2.10 10.70
CA THR A 76 1.73 -1.89 11.98
C THR A 76 1.35 -3.25 12.56
N VAL A 77 1.99 -3.62 13.66
CA VAL A 77 1.79 -4.96 14.22
C VAL A 77 1.36 -4.93 15.69
N LEU A 78 0.71 -6.01 16.11
CA LEU A 78 0.24 -6.15 17.48
C LEU A 78 0.78 -7.42 18.10
N LEU A 79 1.29 -7.33 19.33
CA LEU A 79 1.71 -8.51 20.07
C LEU A 79 0.55 -8.98 20.95
N CYS A 80 -0.10 -10.06 20.52
CA CYS A 80 -1.29 -10.55 21.21
C CYS A 80 -1.08 -11.94 21.80
N ASP A 81 -1.94 -12.32 22.73
CA ASP A 81 -1.89 -13.65 23.31
C ASP A 81 -2.74 -14.64 22.52
N ARG A 82 -3.16 -15.71 23.17
CA ARG A 82 -3.93 -16.77 22.52
C ARG A 82 -5.26 -16.26 21.98
N GLU A 83 -5.87 -15.30 22.67
CA GLU A 83 -7.20 -14.81 22.31
C GLU A 83 -7.12 -13.56 21.42
N GLY A 84 -5.92 -13.18 21.02
CA GLY A 84 -5.74 -12.00 20.20
C GLY A 84 -5.92 -10.72 21.01
N GLN A 85 -5.52 -10.80 22.28
CA GLN A 85 -5.59 -9.65 23.18
C GLN A 85 -4.24 -8.96 23.28
N PRO A 86 -4.19 -7.66 22.93
CA PRO A 86 -2.97 -6.84 22.95
C PRO A 86 -2.22 -6.92 24.29
N GLN A 87 -0.96 -7.33 24.23
CA GLN A 87 -0.15 -7.48 25.44
C GLN A 87 0.77 -6.28 25.63
N THR A 88 0.93 -5.50 24.58
CA THR A 88 1.70 -4.26 24.63
C THR A 88 1.22 -3.32 23.55
N GLU A 89 1.71 -2.08 23.55
CA GLU A 89 1.32 -1.11 22.55
C GLU A 89 1.78 -1.56 21.17
N PRO A 90 0.92 -1.37 20.16
CA PRO A 90 1.28 -1.72 18.78
C PRO A 90 2.48 -0.94 18.28
N LEU A 91 3.34 -1.58 17.50
CA LEU A 91 4.45 -0.89 16.86
C LEU A 91 4.00 -0.42 15.49
N LEU A 92 3.81 0.89 15.35
CA LEU A 92 3.23 1.47 14.15
C LEU A 92 4.17 1.36 12.94
N TYR A 93 3.61 1.59 11.76
CA TYR A 93 4.33 1.42 10.50
C TYR A 93 5.55 2.33 10.38
N ASN A 94 5.44 3.53 10.94
CA ASN A 94 6.50 4.53 10.81
C ASN A 94 7.63 4.35 11.82
N GLN A 95 7.34 3.67 12.93
CA GLN A 95 8.33 3.47 13.98
C GLN A 95 9.45 2.53 13.54
N ALA A 96 10.69 2.96 13.74
CA ALA A 96 11.84 2.10 13.48
C ALA A 96 12.29 1.45 14.79
N CYS A 97 12.97 0.31 14.69
CA CYS A 97 13.44 -0.39 15.86
C CYS A 97 14.96 -0.43 15.92
N PRO A 98 15.51 -0.14 17.11
CA PRO A 98 16.97 -0.14 17.34
C PRO A 98 17.53 -1.55 17.50
N ILE A 99 17.36 -2.38 16.48
CA ILE A 99 17.91 -3.73 16.53
C ILE A 99 18.99 -3.91 15.47
N ASP A 100 19.74 -5.00 15.59
CA ASP A 100 20.76 -5.34 14.61
C ASP A 100 20.15 -6.19 13.51
N LEU A 101 20.15 -5.68 12.28
CA LEU A 101 19.58 -6.41 11.15
C LEU A 101 20.33 -7.70 10.85
N ALA A 102 21.55 -7.80 11.38
CA ALA A 102 22.34 -9.02 11.25
C ALA A 102 21.73 -10.17 12.04
N ASP A 103 20.86 -9.83 12.99
CA ASP A 103 20.17 -10.83 13.80
C ASP A 103 19.01 -11.48 13.05
N LEU A 104 18.74 -10.97 11.85
CA LEU A 104 17.64 -11.48 11.04
C LEU A 104 18.16 -12.24 9.81
N ALA A 105 19.47 -12.22 9.63
CA ALA A 105 20.10 -12.72 8.41
C ALA A 105 19.82 -14.19 8.12
N ASP A 106 19.67 -15.00 9.17
CA ASP A 106 19.49 -16.44 8.99
C ASP A 106 18.03 -16.85 8.82
N TRP A 107 17.14 -15.86 8.77
CA TRP A 107 15.71 -16.14 8.69
C TRP A 107 15.13 -15.77 7.33
N VAL A 108 15.85 -14.94 6.58
CA VAL A 108 15.42 -14.51 5.25
C VAL A 108 16.64 -14.42 4.33
N PRO A 109 16.41 -14.50 3.00
CA PRO A 109 17.53 -14.38 2.06
C PRO A 109 18.26 -13.04 2.10
N ALA A 110 19.24 -12.89 1.20
CA ALA A 110 20.24 -11.82 1.21
C ALA A 110 19.71 -10.43 1.51
N ASP A 111 18.91 -9.88 0.60
CA ASP A 111 18.31 -8.57 0.86
C ASP A 111 16.79 -8.63 0.72
N HIS A 112 16.21 -9.53 1.50
CA HIS A 112 14.77 -9.68 1.62
C HIS A 112 14.16 -8.40 2.20
N ALA A 113 12.89 -8.16 1.89
CA ALA A 113 12.21 -6.93 2.30
C ALA A 113 12.09 -6.81 3.82
N ALA A 114 12.12 -7.95 4.50
CA ALA A 114 12.00 -7.97 5.96
C ALA A 114 13.22 -7.35 6.62
N LEU A 115 14.31 -7.27 5.88
CA LEU A 115 15.54 -6.67 6.39
C LEU A 115 15.44 -5.15 6.39
N SER A 116 14.67 -4.64 7.36
CA SER A 116 14.45 -3.21 7.52
C SER A 116 14.06 -2.95 8.96
N SER A 117 14.55 -1.85 9.53
CA SER A 117 14.30 -1.54 10.93
C SER A 117 12.82 -1.25 11.21
N THR A 118 12.04 -1.08 10.15
CA THR A 118 10.62 -0.77 10.29
C THR A 118 9.72 -1.93 9.89
N SER A 119 10.31 -3.08 9.58
CA SER A 119 9.54 -4.24 9.13
C SER A 119 8.87 -4.95 10.31
N SER A 120 7.87 -5.78 10.00
CA SER A 120 7.16 -6.54 11.02
C SER A 120 8.08 -7.53 11.72
N LEU A 121 9.01 -8.12 10.96
CA LEU A 121 9.96 -9.06 11.51
C LEU A 121 10.90 -8.39 12.50
N ALA A 122 11.41 -7.22 12.13
CA ALA A 122 12.32 -6.47 12.98
C ALA A 122 11.64 -6.04 14.28
N LYS A 123 10.35 -5.77 14.19
CA LYS A 123 9.56 -5.38 15.35
C LYS A 123 9.25 -6.57 16.24
N LEU A 124 9.09 -7.74 15.62
CA LEU A 124 8.89 -8.98 16.35
C LEU A 124 10.16 -9.35 17.12
N TRP A 125 11.30 -9.13 16.49
CA TRP A 125 12.59 -9.40 17.12
C TRP A 125 12.86 -8.37 18.22
N PHE A 126 12.38 -7.15 18.01
CA PHE A 126 12.50 -6.10 19.03
C PHE A 126 11.69 -6.47 20.26
N TRP A 127 10.46 -6.94 20.03
CA TRP A 127 9.60 -7.43 21.12
C TRP A 127 10.25 -8.61 21.82
N GLN A 128 10.89 -9.47 21.03
CA GLN A 128 11.58 -10.65 21.55
C GLN A 128 12.70 -10.27 22.52
N GLN A 129 13.50 -9.29 22.13
CA GLN A 129 14.60 -8.83 22.98
C GLN A 129 14.10 -7.92 24.10
N GLN A 130 12.84 -7.51 24.00
CA GLN A 130 12.21 -6.71 25.04
C GLN A 130 11.67 -7.59 26.15
N PHE A 131 10.73 -8.46 25.81
CA PHE A 131 10.12 -9.37 26.78
C PHE A 131 11.07 -10.45 27.23
N GLY A 132 12.20 -10.59 26.53
CA GLY A 132 13.16 -11.62 26.83
C GLY A 132 12.80 -12.94 26.16
N ALA A 133 11.61 -13.44 26.48
CA ALA A 133 11.10 -14.67 25.87
C ALA A 133 9.60 -14.58 25.64
N LEU A 134 9.19 -14.72 24.39
CA LEU A 134 7.78 -14.66 24.04
C LEU A 134 7.13 -16.03 24.13
N PRO A 135 6.00 -16.12 24.85
CA PRO A 135 5.23 -17.36 24.94
C PRO A 135 4.82 -17.87 23.56
N PRO A 136 4.82 -19.20 23.37
CA PRO A 136 4.51 -19.81 22.07
C PRO A 136 3.06 -19.62 21.66
N ASP A 137 2.16 -19.51 22.64
CA ASP A 137 0.75 -19.35 22.37
C ASP A 137 0.40 -17.89 22.02
N TRP A 138 1.42 -17.03 22.04
CA TRP A 138 1.23 -15.65 21.61
C TRP A 138 1.33 -15.55 20.10
N GLN A 139 0.84 -14.43 19.56
CA GLN A 139 0.82 -14.23 18.12
C GLN A 139 1.11 -12.78 17.76
N ILE A 140 1.82 -12.57 16.65
CA ILE A 140 2.01 -11.24 16.10
C ILE A 140 1.03 -11.05 14.95
N LEU A 141 0.28 -9.95 14.99
CA LEU A 141 -0.76 -9.70 13.99
C LEU A 141 -0.60 -8.32 13.36
N ALA A 142 -0.64 -8.28 12.04
CA ALA A 142 -0.71 -7.01 11.33
C ALA A 142 -2.05 -6.36 11.63
N GLN A 143 -2.16 -5.07 11.33
CA GLN A 143 -3.40 -4.33 11.59
C GLN A 143 -4.58 -5.01 10.90
N ALA A 144 -4.44 -5.28 9.61
CA ALA A 144 -5.49 -5.95 8.84
C ALA A 144 -5.81 -7.33 9.41
N ASP A 145 -4.77 -8.03 9.87
CA ASP A 145 -4.95 -9.35 10.48
C ASP A 145 -5.83 -9.25 11.72
N TRP A 146 -5.42 -8.39 12.65
CA TRP A 146 -6.11 -8.23 13.92
C TRP A 146 -7.56 -7.82 13.74
N LEU A 147 -7.82 -6.95 12.77
CA LEU A 147 -9.16 -6.45 12.52
C LEU A 147 -10.07 -7.52 11.91
N SER A 148 -9.53 -8.28 10.97
CA SER A 148 -10.28 -9.38 10.38
C SER A 148 -10.54 -10.46 11.42
N LEU A 149 -9.63 -10.56 12.39
CA LEU A 149 -9.78 -11.50 13.51
C LEU A 149 -11.01 -11.13 14.35
N GLN A 150 -11.31 -9.83 14.42
CA GLN A 150 -12.49 -9.37 15.12
C GLN A 150 -13.77 -9.82 14.42
N LEU A 151 -13.63 -10.24 13.16
CA LEU A 151 -14.77 -10.61 12.33
C LEU A 151 -14.98 -12.11 12.20
N HIS A 152 -13.89 -12.87 12.08
CA HIS A 152 -14.01 -14.31 11.88
C HIS A 152 -13.53 -15.14 13.07
N GLY A 153 -12.84 -14.49 14.01
CA GLY A 153 -12.42 -15.15 15.24
C GLY A 153 -11.30 -16.17 15.08
N CYS A 154 -10.79 -16.35 13.87
CA CYS A 154 -9.70 -17.28 13.63
C CYS A 154 -8.34 -16.63 13.86
N SER A 155 -7.61 -17.11 14.86
CA SER A 155 -6.34 -16.51 15.23
C SER A 155 -5.18 -16.92 14.34
N GLN A 156 -4.14 -16.11 14.34
CA GLN A 156 -2.91 -16.36 13.58
C GLN A 156 -3.17 -16.57 12.08
N GLN A 157 -3.95 -15.67 11.50
CA GLN A 157 -4.27 -15.72 10.08
C GLN A 157 -3.82 -14.44 9.38
N SER A 158 -3.09 -14.59 8.28
CA SER A 158 -2.62 -13.42 7.54
C SER A 158 -2.57 -13.69 6.03
N ASP A 159 -2.03 -12.74 5.29
CA ASP A 159 -1.95 -12.81 3.83
C ASP A 159 -0.52 -12.55 3.38
N TYR A 160 -0.15 -12.98 2.18
CA TYR A 160 1.25 -12.88 1.77
C TYR A 160 1.66 -11.48 1.30
N HIS A 161 0.80 -10.50 1.53
CA HIS A 161 1.16 -9.10 1.33
C HIS A 161 1.65 -8.50 2.65
N ASN A 162 0.82 -8.61 3.68
CA ASN A 162 1.22 -8.16 5.01
C ASN A 162 2.37 -8.98 5.57
N ALA A 163 2.39 -10.27 5.25
CA ALA A 163 3.36 -11.19 5.84
C ALA A 163 4.73 -11.11 5.18
N LEU A 164 4.81 -10.42 4.04
CA LEU A 164 6.06 -10.27 3.32
C LEU A 164 7.17 -9.70 4.20
N LYS A 165 6.89 -8.57 4.84
CA LYS A 165 7.89 -7.90 5.66
C LYS A 165 7.97 -8.52 7.05
N LEU A 166 7.27 -9.63 7.24
CA LEU A 166 7.40 -10.43 8.45
C LEU A 166 8.41 -11.54 8.20
N GLY A 167 8.77 -11.74 6.93
CA GLY A 167 9.77 -12.71 6.56
C GLY A 167 9.27 -13.79 5.61
N TYR A 168 8.04 -13.63 5.15
CA TYR A 168 7.43 -14.59 4.23
C TYR A 168 8.08 -14.50 2.85
N SER A 169 8.17 -15.63 2.17
CA SER A 169 8.71 -15.67 0.81
C SER A 169 7.65 -16.15 -0.16
N PRO A 170 6.86 -15.21 -0.70
CA PRO A 170 5.77 -15.52 -1.63
C PRO A 170 6.23 -16.12 -2.96
N ASP A 171 7.54 -16.09 -3.22
CA ASP A 171 8.09 -16.74 -4.40
C ASP A 171 8.11 -18.26 -4.19
N ARG A 172 8.28 -18.67 -2.94
CA ARG A 172 8.26 -20.08 -2.58
C ARG A 172 7.06 -20.41 -1.71
N GLU A 173 6.24 -19.39 -1.43
CA GLU A 173 5.02 -19.55 -0.62
C GLU A 173 5.30 -20.19 0.74
N ARG A 174 6.23 -19.62 1.50
CA ARG A 174 6.60 -20.17 2.78
C ARG A 174 7.48 -19.23 3.61
N PHE A 175 7.40 -19.36 4.93
CA PHE A 175 8.43 -18.80 5.80
C PHE A 175 9.65 -19.73 5.70
N SER A 176 10.83 -19.22 6.00
CA SER A 176 12.03 -20.06 5.96
C SER A 176 11.97 -21.08 7.08
N LYS A 177 12.57 -22.24 6.85
CA LYS A 177 12.54 -23.33 7.82
C LYS A 177 13.29 -22.93 9.09
N ASN A 178 14.30 -22.08 8.93
CA ASN A 178 15.07 -21.61 10.08
C ASN A 178 14.26 -20.66 10.95
N LEU A 179 13.37 -19.89 10.32
CA LEU A 179 12.52 -18.95 11.04
C LEU A 179 11.40 -19.68 11.78
N LEU A 180 10.82 -20.68 11.12
CA LEU A 180 9.76 -21.49 11.72
C LEU A 180 10.30 -22.33 12.87
N ASP A 181 11.53 -22.81 12.72
CA ASP A 181 12.18 -23.58 13.78
C ASP A 181 12.65 -22.68 14.92
N SER A 182 12.62 -21.38 14.69
CA SER A 182 13.12 -20.44 15.68
C SER A 182 12.12 -20.24 16.80
N GLU A 183 12.55 -19.44 17.77
CA GLU A 183 11.75 -19.11 18.94
C GLU A 183 10.59 -18.19 18.57
N LEU A 184 10.69 -17.56 17.40
CA LEU A 184 9.65 -16.66 16.89
C LEU A 184 8.65 -17.42 16.03
N GLY A 185 8.95 -18.68 15.74
CA GLY A 185 8.15 -19.49 14.85
C GLY A 185 6.70 -19.68 15.26
N ALA A 186 6.48 -19.85 16.56
CA ALA A 186 5.15 -20.13 17.07
C ALA A 186 4.24 -18.90 17.04
N LEU A 187 4.84 -17.73 16.83
CA LEU A 187 4.07 -16.49 16.78
C LEU A 187 3.71 -16.10 15.35
N LEU A 188 4.31 -16.79 14.38
CA LEU A 188 4.02 -16.53 12.98
C LEU A 188 2.63 -17.04 12.61
N PRO A 189 1.94 -16.32 11.71
CA PRO A 189 0.60 -16.70 11.28
C PRO A 189 0.58 -17.68 10.11
N VAL A 190 -0.56 -18.32 9.89
CA VAL A 190 -0.76 -19.10 8.68
C VAL A 190 -1.08 -18.13 7.54
N VAL A 191 -0.33 -18.22 6.45
CA VAL A 191 -0.44 -17.24 5.39
C VAL A 191 -1.27 -17.72 4.21
N HIS A 192 -2.32 -16.96 3.89
CA HIS A 192 -3.18 -17.26 2.75
C HIS A 192 -2.97 -16.26 1.62
N GLU A 193 -3.67 -16.48 0.50
CA GLU A 193 -3.71 -15.51 -0.59
C GLU A 193 -4.78 -14.49 -0.31
N PRO A 194 -4.45 -13.20 -0.49
CA PRO A 194 -5.43 -12.12 -0.30
C PRO A 194 -6.71 -12.35 -1.12
N GLY A 195 -7.86 -12.32 -0.45
CA GLY A 195 -9.13 -12.48 -1.13
C GLY A 195 -9.81 -13.81 -0.85
N VAL A 196 -9.03 -14.85 -0.54
CA VAL A 196 -9.62 -16.15 -0.25
C VAL A 196 -10.34 -16.10 1.10
N ALA A 197 -11.41 -16.89 1.21
CA ALA A 197 -12.20 -16.92 2.44
C ALA A 197 -11.44 -17.60 3.56
N ILE A 198 -11.31 -16.90 4.69
CA ILE A 198 -10.68 -17.47 5.87
C ILE A 198 -11.70 -18.31 6.63
N GLY A 199 -12.87 -17.74 6.85
CA GLY A 199 -13.96 -18.42 7.53
C GLY A 199 -15.18 -17.54 7.58
N PRO A 200 -16.33 -18.11 7.99
CA PRO A 200 -17.55 -17.33 8.10
C PRO A 200 -17.45 -16.28 9.19
N ILE A 201 -18.26 -15.22 9.08
CA ILE A 201 -18.29 -14.19 10.11
C ILE A 201 -18.81 -14.78 11.42
N LEU A 202 -18.30 -14.28 12.54
CA LEU A 202 -18.75 -14.71 13.85
C LEU A 202 -20.26 -14.52 13.99
N PRO A 203 -20.96 -15.56 14.47
CA PRO A 203 -22.42 -15.56 14.63
C PRO A 203 -22.92 -14.39 15.46
N ALA A 204 -22.22 -14.07 16.54
CA ALA A 204 -22.62 -12.95 17.41
C ALA A 204 -22.43 -11.62 16.69
N ILE A 205 -21.38 -11.51 15.90
CA ILE A 205 -21.10 -10.29 15.14
C ILE A 205 -22.12 -10.12 14.03
N ALA A 206 -22.42 -11.21 13.31
CA ALA A 206 -23.39 -11.19 12.22
C ALA A 206 -24.77 -10.77 12.74
N GLN A 207 -25.14 -11.31 13.89
CA GLN A 207 -26.46 -11.04 14.46
C GLN A 207 -26.57 -9.61 14.98
N GLU A 208 -25.50 -9.11 15.61
CA GLU A 208 -25.51 -7.78 16.18
C GLU A 208 -25.64 -6.70 15.11
N PHE A 209 -24.89 -6.84 14.01
CA PHE A 209 -24.85 -5.80 12.99
C PHE A 209 -25.76 -6.10 11.80
N GLY A 210 -26.68 -7.04 11.98
CA GLY A 210 -27.65 -7.37 10.94
C GLY A 210 -27.04 -7.88 9.65
N LEU A 211 -25.92 -8.60 9.78
CA LEU A 211 -25.25 -9.18 8.62
C LEU A 211 -25.66 -10.64 8.47
N SER A 212 -25.62 -11.14 7.23
CA SER A 212 -25.91 -12.54 6.97
C SER A 212 -24.89 -13.42 7.71
N PRO A 213 -25.38 -14.43 8.44
CA PRO A 213 -24.50 -15.34 9.17
C PRO A 213 -23.63 -16.18 8.22
N ASP A 214 -23.96 -16.16 6.94
CA ASP A 214 -23.20 -16.91 5.94
C ASP A 214 -22.17 -16.03 5.23
N CYS A 215 -22.01 -14.80 5.71
CA CYS A 215 -21.04 -13.88 5.14
C CYS A 215 -19.62 -14.36 5.41
N GLN A 216 -18.75 -14.21 4.40
CA GLN A 216 -17.39 -14.72 4.48
C GLN A 216 -16.37 -13.62 4.70
N ILE A 217 -15.45 -13.84 5.63
CA ILE A 217 -14.36 -12.90 5.88
C ILE A 217 -13.11 -13.37 5.14
N CYS A 218 -12.63 -12.56 4.21
CA CYS A 218 -11.50 -12.94 3.37
C CYS A 218 -10.17 -12.51 3.95
N ALA A 219 -9.08 -12.95 3.32
CA ALA A 219 -7.74 -12.51 3.70
C ALA A 219 -7.47 -11.14 3.09
N GLY A 220 -6.99 -10.21 3.91
CA GLY A 220 -6.84 -8.84 3.47
C GLY A 220 -5.58 -8.50 2.70
N THR A 221 -5.23 -7.22 2.69
CA THR A 221 -4.04 -6.71 2.01
C THR A 221 -3.44 -5.55 2.78
N THR A 222 -2.54 -4.84 2.12
CA THR A 222 -2.06 -3.57 2.61
C THR A 222 -2.83 -2.48 1.88
N ASP A 223 -2.90 -1.29 2.46
CA ASP A 223 -3.64 -0.19 1.84
C ASP A 223 -2.94 0.27 0.56
N SER A 224 -1.63 0.13 0.52
CA SER A 224 -0.84 0.49 -0.66
C SER A 224 -1.19 -0.40 -1.85
N ILE A 225 -1.43 -1.68 -1.58
CA ILE A 225 -1.76 -2.63 -2.63
C ILE A 225 -3.25 -2.53 -3.00
N ALA A 226 -4.08 -2.29 -1.99
CA ALA A 226 -5.51 -2.08 -2.21
C ALA A 226 -5.75 -0.91 -3.16
N ALA A 227 -4.91 0.12 -3.03
CA ALA A 227 -5.00 1.29 -3.91
C ALA A 227 -4.75 0.90 -5.36
N PHE A 228 -3.79 0.02 -5.59
CA PHE A 228 -3.52 -0.47 -6.94
C PHE A 228 -4.67 -1.33 -7.46
N LEU A 229 -5.22 -2.17 -6.58
CA LEU A 229 -6.33 -3.04 -6.96
C LEU A 229 -7.56 -2.23 -7.35
N ALA A 230 -7.65 -1.01 -6.83
CA ALA A 230 -8.76 -0.12 -7.12
C ALA A 230 -8.76 0.35 -8.57
N SER A 231 -7.59 0.34 -9.19
CA SER A 231 -7.44 0.79 -10.57
C SER A 231 -8.10 -0.17 -11.56
N GLY A 232 -8.00 -1.46 -11.27
CA GLY A 232 -8.57 -2.49 -12.12
C GLY A 232 -7.56 -3.12 -13.05
N ALA A 233 -6.36 -2.55 -13.11
CA ALA A 233 -5.29 -3.06 -13.95
C ALA A 233 -4.88 -4.47 -13.51
N HIS A 234 -4.79 -5.39 -14.47
CA HIS A 234 -4.48 -6.77 -14.16
C HIS A 234 -3.56 -7.42 -15.19
N GLN A 235 -3.29 -6.72 -16.27
CA GLN A 235 -2.35 -7.22 -17.28
C GLN A 235 -0.94 -6.72 -16.97
N PRO A 236 0.06 -7.62 -17.07
CA PRO A 236 1.46 -7.25 -16.85
C PRO A 236 1.91 -6.14 -17.79
N GLY A 237 2.75 -5.23 -17.29
CA GLY A 237 3.17 -4.08 -18.07
C GLY A 237 2.37 -2.85 -17.72
N GLU A 238 1.18 -3.04 -17.16
CA GLU A 238 0.35 -1.93 -16.71
C GLU A 238 0.89 -1.36 -15.41
N ALA A 239 0.83 -0.04 -15.28
CA ALA A 239 1.33 0.61 -14.08
C ALA A 239 0.40 1.69 -13.57
N VAL A 240 0.37 1.85 -12.25
CA VAL A 240 -0.34 2.96 -11.63
C VAL A 240 0.63 3.96 -11.05
N THR A 241 0.55 5.20 -11.52
CA THR A 241 1.41 6.26 -11.02
C THR A 241 0.62 7.16 -10.06
N SER A 242 1.16 7.32 -8.86
CA SER A 242 0.53 8.20 -7.87
C SER A 242 1.25 9.54 -7.80
N LEU A 243 0.65 10.56 -8.42
CA LEU A 243 1.19 11.91 -8.37
C LEU A 243 0.66 12.66 -7.16
N GLY A 244 1.13 12.27 -5.97
CA GLY A 244 0.73 12.91 -4.73
C GLY A 244 1.83 13.78 -4.18
N SER A 245 1.95 13.82 -2.85
CA SER A 245 3.02 14.58 -2.20
C SER A 245 4.36 14.02 -2.63
N THR A 246 4.42 12.70 -2.75
CA THR A 246 5.57 12.02 -3.33
C THR A 246 5.10 11.19 -4.51
N ILE A 247 5.97 11.03 -5.51
CA ILE A 247 5.65 10.20 -6.66
C ILE A 247 5.84 8.73 -6.32
N VAL A 248 4.76 7.96 -6.37
CA VAL A 248 4.85 6.53 -6.09
C VAL A 248 4.46 5.74 -7.33
N LEU A 249 5.39 4.91 -7.81
CA LEU A 249 5.17 4.10 -8.99
C LEU A 249 4.86 2.65 -8.62
N LYS A 250 3.88 2.06 -9.30
CA LYS A 250 3.54 0.67 -9.10
C LYS A 250 3.39 -0.04 -10.43
N LEU A 251 4.28 -0.98 -10.71
CA LEU A 251 4.31 -1.66 -12.00
C LEU A 251 4.02 -3.14 -11.90
N LEU A 252 3.04 -3.61 -12.67
CA LEU A 252 2.68 -5.02 -12.70
C LEU A 252 3.58 -5.78 -13.67
N SER A 253 4.10 -6.92 -13.23
CA SER A 253 5.10 -7.64 -14.01
C SER A 253 4.98 -9.16 -13.89
N GLN A 254 5.51 -9.88 -14.88
CA GLN A 254 5.58 -11.33 -14.84
C GLN A 254 6.78 -11.78 -14.02
N VAL A 255 7.66 -10.85 -13.70
CA VAL A 255 8.90 -11.16 -12.99
C VAL A 255 8.99 -10.36 -11.70
N ALA A 256 9.53 -10.99 -10.66
CA ALA A 256 9.83 -10.29 -9.43
C ALA A 256 11.18 -9.60 -9.56
N VAL A 257 11.22 -8.32 -9.21
CA VAL A 257 12.48 -7.57 -9.22
C VAL A 257 12.70 -6.94 -7.86
N SER A 258 13.97 -6.70 -7.51
CA SER A 258 14.28 -6.07 -6.23
C SER A 258 15.60 -5.34 -6.26
N ASP A 259 15.66 -4.23 -5.53
CA ASP A 259 16.89 -3.46 -5.37
C ASP A 259 16.87 -2.77 -4.01
N ARG A 260 17.54 -3.38 -3.03
CA ARG A 260 17.54 -2.89 -1.66
C ARG A 260 18.11 -1.47 -1.56
N LEU A 261 19.03 -1.14 -2.46
CA LEU A 261 19.64 0.18 -2.49
C LEU A 261 18.58 1.27 -2.70
N THR A 262 17.70 1.05 -3.67
CA THR A 262 16.67 2.03 -3.99
C THR A 262 15.33 1.66 -3.36
N GLY A 263 15.35 0.67 -2.47
CA GLY A 263 14.16 0.27 -1.74
C GLY A 263 13.10 -0.40 -2.61
N VAL A 264 13.53 -0.92 -3.75
CA VAL A 264 12.62 -1.59 -4.67
C VAL A 264 12.45 -3.07 -4.32
N TYR A 265 11.21 -3.52 -4.20
CA TYR A 265 10.91 -4.92 -4.01
C TYR A 265 9.60 -5.28 -4.67
N SER A 266 9.23 -6.56 -4.62
CA SER A 266 8.04 -7.03 -5.33
C SER A 266 7.07 -7.76 -4.40
N HIS A 267 5.78 -7.48 -4.58
CA HIS A 267 4.73 -8.25 -3.94
C HIS A 267 4.20 -9.30 -4.91
N LYS A 268 3.83 -10.46 -4.38
CA LYS A 268 3.14 -11.46 -5.19
C LYS A 268 1.72 -10.98 -5.44
N LEU A 269 1.22 -11.17 -6.66
CA LEU A 269 -0.14 -10.81 -6.99
C LEU A 269 -0.73 -11.83 -7.95
N GLY A 270 -1.36 -12.87 -7.38
CA GLY A 270 -1.85 -13.97 -8.18
C GLY A 270 -0.70 -14.70 -8.85
N GLY A 271 -0.76 -14.80 -10.18
CA GLY A 271 0.31 -15.39 -10.94
C GLY A 271 1.34 -14.34 -11.35
N TYR A 272 1.07 -13.09 -11.02
CA TYR A 272 1.94 -11.98 -11.41
C TYR A 272 2.68 -11.39 -10.21
N TRP A 273 3.39 -10.30 -10.46
CA TRP A 273 4.12 -9.60 -9.41
C TRP A 273 3.89 -8.09 -9.50
N LEU A 274 3.69 -7.45 -8.35
CA LEU A 274 3.56 -6.00 -8.30
C LEU A 274 4.81 -5.38 -7.70
N THR A 275 5.62 -4.75 -8.56
CA THR A 275 6.81 -4.06 -8.10
C THR A 275 6.55 -2.56 -8.06
N GLY A 276 7.50 -1.80 -7.52
CA GLY A 276 7.36 -0.36 -7.47
C GLY A 276 8.52 0.38 -6.84
N GLY A 277 8.37 1.70 -6.75
CA GLY A 277 9.37 2.55 -6.15
C GLY A 277 8.78 3.88 -5.75
N ALA A 278 9.35 4.50 -4.73
CA ALA A 278 8.86 5.80 -4.26
C ALA A 278 9.98 6.84 -4.25
N SER A 279 9.75 7.95 -4.92
CA SER A 279 10.70 9.06 -4.96
C SER A 279 10.40 10.10 -3.88
N ASN A 280 11.43 10.81 -3.45
CA ASN A 280 11.25 11.94 -2.56
C ASN A 280 10.58 13.12 -3.26
N CYS A 281 10.77 13.20 -4.57
CA CYS A 281 10.15 14.25 -5.38
C CYS A 281 8.64 14.08 -5.42
N GLY A 282 7.93 15.14 -5.76
CA GLY A 282 6.47 15.09 -5.86
C GLY A 282 5.84 16.46 -5.76
N GLY A 283 4.52 16.46 -5.58
CA GLY A 283 3.75 17.70 -5.52
C GLY A 283 4.10 18.58 -4.34
N ALA A 284 4.75 18.02 -3.33
CA ALA A 284 5.19 18.80 -2.18
C ALA A 284 6.19 19.87 -2.60
N THR A 285 7.01 19.54 -3.60
CA THR A 285 7.96 20.50 -4.14
C THR A 285 7.23 21.63 -4.87
N LEU A 286 6.11 21.29 -5.48
CA LEU A 286 5.29 22.28 -6.19
C LEU A 286 4.63 23.26 -5.23
N ARG A 287 4.17 22.75 -4.08
CA ARG A 287 3.51 23.57 -3.07
C ARG A 287 4.48 24.50 -2.34
N GLN A 288 5.77 24.21 -2.47
CA GLN A 288 6.80 25.03 -1.85
C GLN A 288 6.95 26.36 -2.58
N PHE A 289 6.36 26.47 -3.77
CA PHE A 289 6.49 27.67 -4.57
C PHE A 289 5.12 28.21 -5.02
N PHE A 290 4.09 27.37 -4.95
CA PHE A 290 2.76 27.78 -5.40
C PHE A 290 1.64 27.18 -4.56
N PRO A 291 0.59 27.97 -4.30
CA PRO A 291 -0.69 27.41 -3.84
C PRO A 291 -1.39 26.74 -5.02
N ASP A 292 -2.36 25.86 -4.77
CA ASP A 292 -3.01 25.09 -5.82
C ASP A 292 -3.68 25.96 -6.88
N THR A 293 -4.36 27.00 -6.44
CA THR A 293 -5.07 27.90 -7.33
C THR A 293 -4.10 28.54 -8.32
N GLU A 294 -3.04 29.13 -7.78
CA GLU A 294 -2.01 29.75 -8.59
C GLU A 294 -1.31 28.70 -9.45
N LEU A 295 -1.17 27.50 -8.90
CA LEU A 295 -0.58 26.38 -9.63
C LEU A 295 -1.39 26.07 -10.89
N GLU A 296 -2.71 26.18 -10.76
CA GLU A 296 -3.60 25.93 -11.88
C GLU A 296 -3.56 27.08 -12.90
N SER A 297 -3.77 28.31 -12.42
CA SER A 297 -3.77 29.47 -13.30
C SER A 297 -2.49 29.59 -14.13
N LEU A 298 -1.40 29.04 -13.62
CA LEU A 298 -0.12 29.06 -14.33
C LEU A 298 0.06 27.87 -15.26
N SER A 299 -0.52 26.73 -14.90
CA SER A 299 -0.44 25.53 -15.72
C SER A 299 -1.18 25.73 -17.05
N CYS A 300 -2.16 26.62 -17.04
CA CYS A 300 -2.95 26.92 -18.22
C CYS A 300 -2.12 27.55 -19.33
N GLN A 301 -1.00 28.14 -18.95
CA GLN A 301 -0.19 28.91 -19.88
C GLN A 301 1.03 28.13 -20.36
N ILE A 302 1.10 26.85 -20.01
CA ILE A 302 2.24 26.02 -20.36
C ILE A 302 1.98 25.18 -21.60
N ASP A 303 2.84 25.32 -22.60
CA ASP A 303 2.78 24.51 -23.81
C ASP A 303 3.83 23.40 -23.73
N PRO A 304 3.39 22.16 -23.48
CA PRO A 304 4.26 20.99 -23.31
C PRO A 304 5.08 20.65 -24.56
N THR A 305 4.65 21.11 -25.72
CA THR A 305 5.30 20.76 -26.98
C THR A 305 6.62 21.50 -27.20
N LYS A 306 7.00 22.33 -26.24
CA LYS A 306 8.26 23.07 -26.31
C LYS A 306 9.01 22.96 -25.00
N LYS A 307 10.27 22.51 -25.08
CA LYS A 307 11.11 22.39 -23.90
C LYS A 307 11.35 23.76 -23.28
N SER A 308 11.43 23.80 -21.95
CA SER A 308 11.66 25.05 -21.24
C SER A 308 13.13 25.42 -21.21
N GLY A 309 13.98 24.43 -21.50
CA GLY A 309 15.42 24.62 -21.43
C GLY A 309 15.92 24.42 -20.02
N LEU A 310 15.00 24.07 -19.12
CA LEU A 310 15.33 23.87 -17.71
C LEU A 310 15.47 22.38 -17.41
N ASP A 311 16.49 22.05 -16.62
CA ASP A 311 16.75 20.66 -16.25
C ASP A 311 16.77 20.50 -14.73
N TYR A 312 15.58 20.52 -14.13
CA TYR A 312 15.47 20.47 -12.67
C TYR A 312 15.40 19.05 -12.11
N TYR A 313 15.89 18.89 -10.89
CA TYR A 313 15.57 17.70 -10.10
C TYR A 313 14.85 18.16 -8.84
N PRO A 314 13.52 18.01 -8.81
CA PRO A 314 12.64 18.66 -7.85
C PRO A 314 12.50 17.92 -6.52
N LEU A 315 13.59 17.82 -5.77
CA LEU A 315 13.54 17.31 -4.40
C LEU A 315 13.00 18.38 -3.47
N PRO A 316 12.23 17.97 -2.45
CA PRO A 316 11.72 18.91 -1.44
C PRO A 316 12.81 19.30 -0.45
N SER A 317 13.85 18.48 -0.39
CA SER A 317 14.97 18.67 0.50
C SER A 317 16.12 17.75 0.11
N ARG A 318 17.19 17.76 0.91
CA ARG A 318 18.35 16.92 0.65
C ARG A 318 18.04 15.43 0.78
N GLY A 319 18.42 14.66 -0.24
CA GLY A 319 18.25 13.22 -0.18
C GLY A 319 17.27 12.64 -1.19
N GLU A 320 17.69 11.56 -1.85
CA GLU A 320 16.83 10.85 -2.80
C GLU A 320 16.99 9.34 -2.63
N ARG A 321 15.92 8.59 -2.85
CA ARG A 321 15.97 7.14 -2.67
C ARG A 321 15.59 6.34 -3.93
N PHE A 322 14.93 6.99 -4.88
CA PHE A 322 14.47 6.31 -6.10
C PHE A 322 14.12 7.36 -7.14
N PRO A 323 14.42 7.10 -8.44
CA PRO A 323 14.99 5.90 -9.07
C PRO A 323 16.45 5.62 -8.73
N ILE A 324 17.22 6.66 -8.42
CA ILE A 324 18.62 6.47 -8.06
C ILE A 324 18.87 6.98 -6.64
N ALA A 325 19.52 6.15 -5.82
CA ALA A 325 19.74 6.48 -4.43
C ALA A 325 20.92 7.43 -4.23
N ASP A 326 20.68 8.51 -3.50
CA ASP A 326 21.71 9.49 -3.14
C ASP A 326 21.22 10.37 -2.00
N PRO A 327 21.65 10.04 -0.77
CA PRO A 327 21.21 10.78 0.42
C PRO A 327 21.81 12.17 0.49
N ASP A 328 22.82 12.44 -0.33
CA ASP A 328 23.49 13.73 -0.33
C ASP A 328 23.03 14.61 -1.48
N ARG A 329 22.18 14.07 -2.35
CA ARG A 329 21.71 14.81 -3.52
C ARG A 329 20.82 15.98 -3.10
N LEU A 330 21.15 17.16 -3.59
CA LEU A 330 20.38 18.36 -3.29
C LEU A 330 19.40 18.67 -4.39
N PRO A 331 18.31 19.36 -4.05
CA PRO A 331 17.38 19.83 -5.08
C PRO A 331 18.11 20.66 -6.13
N GLN A 332 17.67 20.57 -7.38
CA GLN A 332 18.32 21.29 -8.46
C GLN A 332 17.30 22.17 -9.16
N LEU A 333 17.26 23.46 -8.79
CA LEU A 333 16.20 24.35 -9.23
C LEU A 333 16.78 25.59 -9.92
N GLU A 334 17.96 25.45 -10.53
CA GLU A 334 18.63 26.56 -11.18
C GLU A 334 19.01 26.21 -12.63
N PRO A 335 19.00 27.21 -13.54
CA PRO A 335 18.62 28.61 -13.33
C PRO A 335 17.11 28.78 -13.12
N ARG A 336 16.73 29.82 -12.38
CA ARG A 336 15.32 30.08 -12.12
C ARG A 336 14.87 31.32 -12.88
N PRO A 337 14.09 31.12 -13.96
CA PRO A 337 13.60 32.23 -14.79
C PRO A 337 12.68 33.16 -14.00
N GLU A 338 12.47 34.36 -14.53
CA GLU A 338 11.61 35.34 -13.88
C GLU A 338 10.15 35.00 -14.11
N ASN A 339 9.88 34.27 -15.19
CA ASN A 339 8.52 33.86 -15.53
C ASN A 339 8.10 32.66 -14.69
N PRO A 340 7.09 32.84 -13.82
CA PRO A 340 6.59 31.76 -12.97
C PRO A 340 6.03 30.59 -13.77
N VAL A 341 5.51 30.90 -14.95
CA VAL A 341 4.94 29.88 -15.83
C VAL A 341 6.02 28.90 -16.30
N GLN A 342 7.15 29.43 -16.75
CA GLN A 342 8.22 28.59 -17.27
C GLN A 342 8.95 27.86 -16.15
N PHE A 343 9.02 28.48 -14.97
CA PHE A 343 9.62 27.84 -13.82
C PHE A 343 8.78 26.63 -13.40
N LEU A 344 7.47 26.79 -13.49
CA LEU A 344 6.54 25.71 -13.21
C LEU A 344 6.72 24.57 -14.22
N GLN A 345 6.95 24.94 -15.48
CA GLN A 345 7.17 23.96 -16.53
C GLN A 345 8.45 23.17 -16.26
N GLY A 346 9.48 23.87 -15.81
CA GLY A 346 10.72 23.23 -15.44
C GLY A 346 10.52 22.22 -14.32
N LEU A 347 9.64 22.56 -13.38
CA LEU A 347 9.31 21.68 -12.27
C LEU A 347 8.56 20.43 -12.76
N LEU A 348 7.54 20.64 -13.58
CA LEU A 348 6.76 19.53 -14.12
C LEU A 348 7.63 18.64 -15.01
N GLU A 349 8.57 19.23 -15.73
CA GLU A 349 9.49 18.48 -16.57
C GLU A 349 10.41 17.62 -15.72
N GLY A 350 10.83 18.14 -14.57
CA GLY A 350 11.68 17.41 -13.67
C GLY A 350 10.97 16.26 -13.01
N LEU A 351 9.73 16.49 -12.59
CA LEU A 351 8.90 15.45 -12.00
C LEU A 351 8.58 14.37 -13.02
N THR A 352 8.41 14.79 -14.27
CA THR A 352 8.19 13.88 -15.39
C THR A 352 9.37 12.97 -15.57
N GLN A 353 10.57 13.55 -15.47
CA GLN A 353 11.81 12.79 -15.63
C GLN A 353 11.97 11.75 -14.52
N VAL A 354 11.55 12.12 -13.32
CA VAL A 354 11.60 11.21 -12.18
C VAL A 354 10.77 9.97 -12.45
N GLU A 355 9.56 10.16 -12.95
CA GLU A 355 8.66 9.06 -13.27
C GLU A 355 9.18 8.23 -14.44
N THR A 356 9.72 8.92 -15.45
CA THR A 356 10.27 8.26 -16.62
C THR A 356 11.45 7.38 -16.26
N LEU A 357 12.42 7.97 -15.55
CA LEU A 357 13.59 7.23 -15.10
C LEU A 357 13.23 6.15 -14.09
N GLY A 358 12.13 6.35 -13.37
CA GLY A 358 11.68 5.40 -12.38
C GLY A 358 11.18 4.11 -13.02
N TYR A 359 10.34 4.23 -14.03
CA TYR A 359 9.81 3.07 -14.72
C TYR A 359 10.89 2.36 -15.53
N GLN A 360 11.81 3.13 -16.10
CA GLN A 360 12.92 2.56 -16.84
C GLN A 360 13.83 1.75 -15.91
N ARG A 361 14.13 2.32 -14.76
CA ARG A 361 14.91 1.65 -13.72
C ARG A 361 14.28 0.32 -13.34
N LEU A 362 12.95 0.31 -13.21
CA LEU A 362 12.21 -0.90 -12.86
C LEU A 362 12.33 -1.94 -13.98
N GLN A 363 12.27 -1.50 -15.22
CA GLN A 363 12.40 -2.39 -16.36
C GLN A 363 13.82 -2.91 -16.52
N ASP A 364 14.80 -2.08 -16.14
CA ASP A 364 16.20 -2.48 -16.20
C ASP A 364 16.49 -3.59 -15.20
N LEU A 365 15.73 -3.60 -14.11
CA LEU A 365 15.89 -4.62 -13.08
C LEU A 365 15.23 -5.94 -13.49
N GLY A 366 14.48 -5.92 -14.58
CA GLY A 366 13.89 -7.14 -15.12
C GLY A 366 12.38 -7.14 -15.24
N ALA A 367 11.74 -6.07 -14.78
CA ALA A 367 10.28 -6.01 -14.80
C ALA A 367 9.75 -5.91 -16.22
N THR A 368 8.54 -6.42 -16.41
CA THR A 368 7.87 -6.37 -17.70
C THR A 368 7.77 -4.93 -18.22
N PRO A 369 8.20 -4.71 -19.48
CA PRO A 369 8.17 -3.39 -20.13
C PRO A 369 6.80 -2.71 -20.03
N LEU A 370 6.83 -1.40 -19.82
CA LEU A 370 5.62 -0.61 -19.62
C LEU A 370 4.69 -0.61 -20.84
N LYS A 371 3.43 -0.96 -20.60
CA LYS A 371 2.42 -0.95 -21.67
C LYS A 371 1.59 0.33 -21.63
N ARG A 372 1.06 0.66 -20.45
CA ARG A 372 0.27 1.86 -20.27
C ARG A 372 0.21 2.25 -18.79
N ILE A 373 -0.13 3.51 -18.53
CA ILE A 373 -0.12 4.04 -17.17
C ILE A 373 -1.51 4.54 -16.74
N TRP A 374 -1.92 4.15 -15.54
CA TRP A 374 -3.09 4.74 -14.89
C TRP A 374 -2.62 5.69 -13.81
N THR A 375 -3.18 6.89 -13.77
CA THR A 375 -2.65 7.92 -12.88
C THR A 375 -3.58 8.23 -11.71
N ALA A 376 -3.00 8.40 -10.54
CA ALA A 376 -3.73 8.77 -9.34
C ALA A 376 -3.03 9.92 -8.63
N GLY A 377 -3.67 10.45 -7.59
CA GLY A 377 -3.10 11.56 -6.85
C GLY A 377 -3.57 12.90 -7.38
N GLY A 378 -3.06 13.98 -6.79
CA GLY A 378 -3.47 15.33 -7.16
C GLY A 378 -3.06 15.74 -8.56
N GLY A 379 -1.89 15.31 -9.00
CA GLY A 379 -1.37 15.69 -10.30
C GLY A 379 -1.98 14.96 -11.48
N ALA A 380 -2.84 14.00 -11.19
CA ALA A 380 -3.47 13.18 -12.23
C ALA A 380 -4.38 13.99 -13.14
N LYS A 381 -4.93 15.09 -12.61
CA LYS A 381 -5.83 15.93 -13.37
C LYS A 381 -5.07 16.99 -14.19
N ASN A 382 -3.79 17.14 -13.91
CA ASN A 382 -2.95 18.10 -14.63
C ASN A 382 -2.61 17.58 -16.04
N ALA A 383 -3.33 18.09 -17.03
CA ALA A 383 -3.19 17.61 -18.41
C ALA A 383 -1.85 18.01 -19.03
N VAL A 384 -1.34 19.18 -18.65
CA VAL A 384 -0.02 19.60 -19.11
C VAL A 384 1.02 18.61 -18.61
N TRP A 385 0.95 18.32 -17.31
CA TRP A 385 1.82 17.33 -16.69
C TRP A 385 1.63 15.96 -17.35
N GLN A 386 0.38 15.65 -17.71
CA GLN A 386 0.09 14.38 -18.37
C GLN A 386 0.72 14.32 -19.75
N GLN A 387 0.68 15.44 -20.46
CA GLN A 387 1.29 15.51 -21.80
C GLN A 387 2.80 15.32 -21.72
N LEU A 388 3.43 15.99 -20.77
CA LEU A 388 4.87 15.84 -20.56
C LEU A 388 5.24 14.40 -20.24
N ARG A 389 4.47 13.78 -19.36
CA ARG A 389 4.69 12.38 -18.99
C ARG A 389 4.50 11.47 -20.18
N GLN A 390 3.47 11.73 -20.97
CA GLN A 390 3.13 10.89 -22.12
C GLN A 390 4.22 10.93 -23.19
N GLN A 391 4.64 12.13 -23.56
CA GLN A 391 5.59 12.29 -24.65
C GLN A 391 7.02 11.91 -24.25
N ALA A 392 7.27 11.82 -22.95
CA ALA A 392 8.58 11.43 -22.46
C ALA A 392 8.68 9.94 -22.21
N ILE A 393 7.56 9.31 -21.87
CA ILE A 393 7.55 7.88 -21.55
C ILE A 393 7.21 7.03 -22.77
N GLY A 394 6.17 7.43 -23.51
CA GLY A 394 5.84 6.78 -24.76
C GLY A 394 4.70 5.78 -24.71
N VAL A 395 3.96 5.76 -23.62
CA VAL A 395 2.83 4.86 -23.47
C VAL A 395 1.55 5.65 -23.23
N PRO A 396 0.38 5.05 -23.54
CA PRO A 396 -0.88 5.72 -23.24
C PRO A 396 -1.03 5.98 -21.74
N ILE A 397 -1.38 7.21 -21.39
CA ILE A 397 -1.53 7.59 -19.98
C ILE A 397 -2.92 8.18 -19.73
N ALA A 398 -3.65 7.57 -18.79
CA ALA A 398 -4.98 8.04 -18.46
C ALA A 398 -5.17 8.16 -16.95
N ILE A 399 -6.31 8.68 -16.54
CA ILE A 399 -6.66 8.80 -15.12
C ILE A 399 -7.29 7.50 -14.64
N ALA A 400 -6.80 6.99 -13.51
CA ALA A 400 -7.34 5.76 -12.93
C ALA A 400 -8.82 5.94 -12.58
N PRO A 401 -9.67 5.03 -13.08
CA PRO A 401 -11.12 5.04 -12.87
C PRO A 401 -11.50 5.15 -11.40
N ASN A 402 -10.86 4.33 -10.56
CA ASN A 402 -11.05 4.40 -9.12
C ASN A 402 -9.70 4.38 -8.42
N THR A 403 -9.61 5.01 -7.26
CA THR A 403 -8.33 5.16 -6.57
C THR A 403 -8.43 4.87 -5.08
N GLU A 404 -9.65 4.77 -4.56
CA GLU A 404 -9.86 4.54 -3.14
C GLU A 404 -9.48 3.12 -2.73
N ALA A 405 -8.67 3.01 -1.68
CA ALA A 405 -8.17 1.72 -1.22
C ALA A 405 -9.30 0.80 -0.78
N ALA A 406 -10.33 1.36 -0.17
CA ALA A 406 -11.47 0.58 0.30
C ALA A 406 -12.21 -0.07 -0.85
N PHE A 407 -12.26 0.62 -1.98
CA PHE A 407 -12.92 0.08 -3.16
C PHE A 407 -12.13 -1.09 -3.76
N GLY A 408 -10.81 -0.96 -3.76
CA GLY A 408 -9.95 -2.02 -4.25
C GLY A 408 -10.05 -3.25 -3.38
N THR A 409 -10.26 -3.03 -2.08
CA THR A 409 -10.43 -4.11 -1.13
C THR A 409 -11.82 -4.72 -1.26
N ALA A 410 -12.79 -3.92 -1.67
CA ALA A 410 -14.13 -4.42 -1.95
C ALA A 410 -14.08 -5.33 -3.18
N ARG A 411 -13.28 -4.95 -4.16
CA ARG A 411 -13.06 -5.79 -5.33
C ARG A 411 -12.31 -7.05 -4.95
N LEU A 412 -11.39 -6.91 -4.00
CA LEU A 412 -10.63 -8.05 -3.48
C LEU A 412 -11.56 -9.06 -2.84
N ALA A 413 -12.54 -8.57 -2.10
CA ALA A 413 -13.51 -9.44 -1.46
C ALA A 413 -14.40 -10.11 -2.50
N ALA A 414 -14.82 -9.34 -3.50
CA ALA A 414 -15.76 -9.84 -4.49
C ALA A 414 -15.15 -10.82 -5.49
N PHE A 415 -13.89 -10.61 -5.87
CA PHE A 415 -13.29 -11.39 -6.95
C PHE A 415 -11.94 -12.00 -6.62
N GLY A 416 -11.33 -11.58 -5.52
CA GLY A 416 -10.01 -12.06 -5.15
C GLY A 416 -8.95 -11.59 -6.12
N LEU A 417 -7.89 -12.37 -6.27
CA LEU A 417 -6.80 -12.04 -7.18
C LEU A 417 -6.86 -12.88 -8.45
N ALA A 418 -8.07 -13.31 -8.80
CA ALA A 418 -8.29 -14.24 -9.91
C ALA A 418 -7.90 -13.63 -11.26
N ALA A 419 -8.08 -12.32 -11.40
CA ALA A 419 -7.81 -11.64 -12.67
C ALA A 419 -6.31 -11.62 -12.99
N PHE A 420 -5.49 -11.87 -11.98
CA PHE A 420 -4.04 -11.81 -12.14
C PHE A 420 -3.45 -13.15 -12.54
N HIS A 421 -3.90 -13.67 -13.67
CA HIS A 421 -3.36 -14.90 -14.24
C HIS A 421 -3.42 -14.85 -15.77
N SER A 422 -2.75 -15.79 -16.42
CA SER A 422 -2.83 -15.92 -17.88
C SER A 422 -4.26 -16.20 -18.30
N ALA A 423 -4.75 -15.44 -19.28
CA ALA A 423 -6.12 -15.56 -19.74
C ALA A 423 -6.35 -16.91 -20.44
#